data_3BEF
#
_entry.id   3BEF
#
_cell.length_a   46.060
_cell.length_b   50.342
_cell.length_c   85.078
_cell.angle_alpha   76.89
_cell.angle_beta   84.30
_cell.angle_gamma   73.69
#
_symmetry.space_group_name_H-M   'P 1'
#
loop_
_entity.id
_entity.type
_entity.pdbx_description
1 polymer Prothrombin
2 polymer Prothrombin
3 polymer 'Proteinase-activated receptor 1'
4 non-polymer 2-acetamido-2-deoxy-beta-D-glucopyranose
5 water water
#
loop_
_entity_poly.entity_id
_entity_poly.type
_entity_poly.pdbx_seq_one_letter_code
_entity_poly.pdbx_strand_id
1 'polypeptide(L)' SEYQTFFNPRTFGSGEADCGLRPLFEKKSLEDKTERELLESYIDGR A,D
2 'polypeptide(L)'
;IVEGSDAEIGMSPWQVMLFRKSPQELLCGASLISDRWVLTAAHCLLYPPWDKNFTENDLLVRIGKHSRTRYERNIEKISM
LEKIYIHPRYNWRENLDRNIALMKLKKPVAFSDYIHPVCLPDRETAASLLQAGYKGRVTGWGNLKETWTANVGKGQPSVL
QVVNLPIVERPVCKDSTRIRITDNMFCAGYKPDEGKRGDACEGDSGGPFVMKSPFNNRWYQMGIVSWGEGCDRDGKYGFY
THVFRLKKWIQKVIDQFGE
;
B,E
3 'polypeptide(L)' NDKYEPFWE C,F
#
# COMPACT_ATOMS: atom_id res chain seq x y z
N SER A 1 -24.71 11.94 -2.78
CA SER A 1 -24.34 11.84 -1.35
C SER A 1 -25.42 12.43 -0.46
N GLU A 2 -26.11 11.56 0.29
CA GLU A 2 -27.17 12.00 1.20
C GLU A 2 -26.54 12.82 2.32
N TYR A 3 -27.06 14.03 2.55
CA TYR A 3 -26.53 14.87 3.60
C TYR A 3 -27.56 15.84 4.13
N GLN A 4 -27.60 15.97 5.45
CA GLN A 4 -28.54 16.85 6.12
C GLN A 4 -27.77 18.01 6.73
N THR A 5 -28.10 19.23 6.33
CA THR A 5 -27.41 20.40 6.88
C THR A 5 -27.70 20.49 8.38
N PHE A 6 -26.77 21.07 9.13
CA PHE A 6 -26.94 21.20 10.57
C PHE A 6 -26.99 22.65 11.00
N PHE A 7 -26.21 23.49 10.34
CA PHE A 7 -26.16 24.89 10.70
C PHE A 7 -27.16 25.73 9.93
N ASN A 8 -27.46 26.90 10.49
CA ASN A 8 -28.38 27.81 9.86
C ASN A 8 -27.62 28.55 8.76
N PRO A 9 -28.00 28.33 7.49
CA PRO A 9 -27.35 28.97 6.35
C PRO A 9 -27.29 30.50 6.51
N ARG A 10 -28.22 31.04 7.29
CA ARG A 10 -28.29 32.47 7.53
C ARG A 10 -27.01 32.96 8.22
N THR A 11 -26.62 32.26 9.28
CA THR A 11 -25.43 32.62 10.03
C THR A 11 -24.17 31.88 9.56
N PHE A 12 -24.33 30.60 9.25
CA PHE A 12 -23.24 29.76 8.79
C PHE A 12 -22.71 30.20 7.43
N GLY A 13 -23.61 30.63 6.55
CA GLY A 13 -23.19 31.04 5.21
C GLY A 13 -23.52 29.91 4.25
N SER A 14 -23.18 30.04 2.98
CA SER A 14 -23.50 28.99 2.03
C SER A 14 -22.39 27.95 1.93
N GLY A 15 -22.75 26.77 1.42
CA GLY A 15 -21.76 25.72 1.23
C GLY A 15 -21.93 24.40 1.97
N GLU A 16 -22.64 24.41 3.08
CA GLU A 16 -22.80 23.17 3.84
C GLU A 16 -23.48 22.02 3.12
N ALA A 17 -24.52 22.31 2.36
CA ALA A 17 -25.26 21.24 1.66
C ALA A 17 -24.36 20.42 0.74
N ASP A 18 -23.37 21.06 0.13
CA ASP A 18 -22.47 20.37 -0.79
C ASP A 18 -21.07 20.13 -0.19
N CYS A 19 -20.96 20.13 1.13
CA CYS A 19 -19.68 19.93 1.81
C CYS A 19 -19.05 18.55 1.63
N GLY A 20 -17.72 18.50 1.75
CA GLY A 20 -16.98 17.25 1.66
C GLY A 20 -16.86 16.56 0.31
N LEU A 21 -17.38 17.17 -0.74
CA LEU A 21 -17.31 16.59 -2.09
C LEU A 21 -16.37 17.48 -2.91
N ARG A 22 -15.19 16.98 -3.24
CA ARG A 22 -14.19 17.76 -4.00
C ARG A 22 -14.47 17.85 -5.51
N PRO A 23 -14.41 19.05 -6.07
CA PRO A 23 -14.64 19.28 -7.50
C PRO A 23 -13.76 18.43 -8.41
N LEU A 24 -12.49 18.26 -8.06
CA LEU A 24 -11.60 17.47 -8.90
C LEU A 24 -11.55 15.97 -8.56
N PHE A 25 -12.39 15.53 -7.62
CA PHE A 25 -12.40 14.13 -7.27
C PHE A 25 -13.79 13.49 -7.18
N GLU A 26 -14.48 13.65 -6.05
CA GLU A 26 -15.80 13.04 -5.91
C GLU A 26 -16.76 13.51 -7.01
N LYS A 27 -16.77 14.81 -7.28
CA LYS A 27 -17.66 15.37 -8.29
C LYS A 27 -17.46 14.73 -9.67
N LYS A 28 -16.25 14.28 -9.96
CA LYS A 28 -15.92 13.66 -11.25
C LYS A 28 -15.71 12.16 -11.13
N SER A 29 -16.05 11.61 -9.95
CA SER A 29 -15.87 10.20 -9.67
C SER A 29 -14.41 9.79 -9.88
N LEU A 30 -13.50 10.65 -9.48
CA LEU A 30 -12.08 10.36 -9.60
C LEU A 30 -11.53 10.24 -8.16
N GLU A 31 -10.67 9.27 -7.90
CA GLU A 31 -10.11 9.09 -6.54
C GLU A 31 -8.68 9.59 -6.42
N ASP A 32 -8.29 10.11 -5.25
CA ASP A 32 -6.91 10.56 -5.12
C ASP A 32 -5.98 9.36 -4.90
N LYS A 33 -4.69 9.61 -4.91
CA LYS A 33 -3.68 8.57 -4.76
C LYS A 33 -3.69 7.75 -3.49
N THR A 34 -4.22 8.27 -2.40
CA THR A 34 -4.21 7.47 -1.17
C THR A 34 -5.50 7.28 -0.40
N GLU A 35 -6.63 7.76 -0.91
CA GLU A 35 -7.88 7.59 -0.18
C GLU A 35 -8.30 6.13 -0.01
N ARG A 36 -7.84 5.27 -0.92
CA ARG A 36 -8.16 3.85 -0.85
C ARG A 36 -7.64 3.27 0.48
N GLU A 37 -6.52 3.81 0.94
CA GLU A 37 -5.92 3.38 2.19
C GLU A 37 -6.85 3.67 3.36
N LEU A 38 -7.57 4.78 3.29
CA LEU A 38 -8.50 5.14 4.35
C LEU A 38 -9.67 4.18 4.35
N LEU A 39 -10.26 3.95 3.18
CA LEU A 39 -11.41 3.05 3.05
C LEU A 39 -11.09 1.63 3.49
N GLU A 40 -9.90 1.15 3.15
CA GLU A 40 -9.48 -0.18 3.53
C GLU A 40 -9.33 -0.28 5.05
N SER A 41 -8.92 0.81 5.69
CA SER A 41 -8.74 0.78 7.13
C SER A 41 -10.08 0.50 7.83
N TYR A 42 -11.18 0.66 7.11
CA TYR A 42 -12.49 0.38 7.71
C TYR A 42 -12.74 -1.13 7.73
N ILE A 43 -11.96 -1.87 6.93
CA ILE A 43 -12.09 -3.32 6.85
C ILE A 43 -10.86 -4.01 7.43
N ASP A 44 -9.74 -3.30 7.38
CA ASP A 44 -8.47 -3.80 7.90
C ASP A 44 -7.77 -2.75 8.75
N ILE B 1 4.36 18.12 8.16
CA ILE B 1 3.96 16.69 7.95
C ILE B 1 5.21 15.82 7.80
N VAL B 2 5.34 14.82 8.66
CA VAL B 2 6.48 13.91 8.62
C VAL B 2 6.14 12.59 7.97
N GLU B 3 7.01 12.15 7.05
CA GLU B 3 6.81 10.88 6.36
C GLU B 3 5.53 10.83 5.52
N GLY B 4 5.15 11.98 4.96
CA GLY B 4 3.96 12.02 4.12
C GLY B 4 4.40 12.17 2.68
N SER B 5 3.56 12.77 1.84
CA SER B 5 3.92 12.96 0.45
C SER B 5 3.22 14.19 -0.09
N ASP B 6 3.56 14.57 -1.32
CA ASP B 6 2.96 15.75 -1.94
C ASP B 6 1.50 15.50 -2.22
N ALA B 7 0.65 16.43 -1.78
CA ALA B 7 -0.77 16.32 -2.04
C ALA B 7 -0.98 16.53 -3.52
N GLU B 8 -2.13 16.10 -4.02
CA GLU B 8 -2.45 16.30 -5.43
C GLU B 8 -3.21 17.60 -5.50
N ILE B 9 -3.33 18.17 -6.69
CA ILE B 9 -4.05 19.40 -6.86
C ILE B 9 -5.54 19.19 -6.58
N GLY B 10 -6.11 20.06 -5.75
CA GLY B 10 -7.51 19.94 -5.40
C GLY B 10 -7.82 18.79 -4.46
N MET B 11 -6.78 18.15 -3.93
CA MET B 11 -6.95 17.02 -3.03
C MET B 11 -7.55 17.43 -1.68
N SER B 12 -7.17 18.61 -1.21
CA SER B 12 -7.65 19.13 0.07
C SER B 12 -8.07 20.59 -0.11
N PRO B 13 -9.17 20.84 -0.85
CA PRO B 13 -9.67 22.19 -1.10
C PRO B 13 -10.17 22.98 0.11
N TRP B 14 -10.26 22.33 1.27
CA TRP B 14 -10.70 23.04 2.48
C TRP B 14 -9.50 23.50 3.31
N GLN B 15 -8.30 23.12 2.87
CA GLN B 15 -7.07 23.47 3.56
C GLN B 15 -6.83 24.97 3.53
N VAL B 16 -6.63 25.55 4.71
CA VAL B 16 -6.40 26.98 4.84
C VAL B 16 -5.03 27.21 5.49
N MET B 17 -4.35 28.27 5.04
CA MET B 17 -3.05 28.62 5.59
C MET B 17 -3.20 29.90 6.43
N LEU B 18 -2.77 29.85 7.68
CA LEU B 18 -2.83 31.03 8.54
C LEU B 18 -1.50 31.73 8.26
N PHE B 19 -1.56 32.99 7.89
CA PHE B 19 -0.35 33.72 7.52
C PHE B 19 -0.19 35.03 8.26
N ARG B 20 1.05 35.37 8.59
CA ARG B 20 1.37 36.62 9.28
C ARG B 20 1.87 37.61 8.23
N LYS B 21 1.20 38.77 8.13
CA LYS B 21 1.58 39.79 7.15
C LYS B 21 3.05 40.22 7.23
N SER B 22 3.45 40.76 8.37
CA SER B 22 4.82 41.22 8.54
C SER B 22 5.39 41.05 9.95
N PRO B 23 6.54 40.35 10.07
CA PRO B 23 7.27 39.75 8.95
C PRO B 23 6.51 38.55 8.41
N GLN B 24 6.25 38.55 7.10
CA GLN B 24 5.49 37.47 6.48
C GLN B 24 5.98 36.13 6.99
N GLU B 25 5.03 35.30 7.41
CA GLU B 25 5.38 34.03 7.99
C GLU B 25 4.18 33.07 8.02
N LEU B 26 4.43 31.81 7.73
CA LEU B 26 3.39 30.80 7.78
C LEU B 26 3.21 30.49 9.26
N LEU B 27 2.03 30.79 9.81
CA LEU B 27 1.77 30.56 11.22
C LEU B 27 1.15 29.21 11.57
N CYS B 28 0.19 28.75 10.77
CA CYS B 28 -0.49 27.50 11.05
C CYS B 28 -1.41 27.04 9.93
N GLY B 29 -2.06 25.92 10.20
CA GLY B 29 -3.02 25.37 9.27
C GLY B 29 -4.40 25.70 9.78
N ALA B 30 -5.41 25.47 8.95
CA ALA B 30 -6.79 25.74 9.33
C ALA B 30 -7.66 25.08 8.29
N SER B 31 -8.97 25.10 8.49
CA SER B 31 -9.87 24.48 7.52
C SER B 31 -11.10 25.33 7.22
N LEU B 32 -11.51 25.30 5.96
CA LEU B 32 -12.67 26.05 5.48
C LEU B 32 -13.93 25.20 5.65
N ILE B 33 -14.85 25.63 6.52
CA ILE B 33 -16.07 24.86 6.75
C ILE B 33 -17.33 25.46 6.07
N SER B 34 -17.20 26.68 5.53
CA SER B 34 -18.28 27.36 4.83
C SER B 34 -17.63 28.48 4.07
N ASP B 35 -18.42 29.36 3.45
CA ASP B 35 -17.83 30.48 2.72
C ASP B 35 -17.47 31.62 3.67
N ARG B 36 -17.94 31.53 4.92
CA ARG B 36 -17.71 32.56 5.94
C ARG B 36 -16.83 32.15 7.12
N TRP B 37 -16.83 30.86 7.45
CA TRP B 37 -16.07 30.39 8.60
C TRP B 37 -14.89 29.46 8.37
N VAL B 38 -13.86 29.67 9.17
CA VAL B 38 -12.63 28.89 9.10
C VAL B 38 -12.34 28.32 10.49
N LEU B 39 -11.97 27.05 10.55
CA LEU B 39 -11.68 26.41 11.83
C LEU B 39 -10.17 26.19 11.99
N THR B 40 -9.67 26.40 13.21
CA THR B 40 -8.25 26.23 13.47
C THR B 40 -8.02 25.94 14.97
N ALA B 41 -6.75 25.92 15.39
CA ALA B 41 -6.46 25.65 16.79
C ALA B 41 -6.27 26.94 17.57
N ALA B 42 -6.80 26.98 18.78
CA ALA B 42 -6.69 28.15 19.64
C ALA B 42 -5.23 28.56 19.92
N HIS B 43 -4.34 27.59 20.05
CA HIS B 43 -2.95 27.94 20.35
C HIS B 43 -2.22 28.59 19.18
N CYS B 44 -2.83 28.54 17.99
CA CYS B 44 -2.22 29.16 16.83
C CYS B 44 -2.43 30.65 16.92
N LEU B 45 -3.48 31.02 17.64
CA LEU B 45 -3.83 32.42 17.83
C LEU B 45 -3.41 32.94 19.20
N LEU B 46 -3.64 32.14 20.23
CA LEU B 46 -3.34 32.53 21.60
C LEU B 46 -2.49 31.56 22.39
N TYR B 47 -1.33 32.04 22.85
CA TYR B 47 -0.42 31.25 23.67
C TYR B 47 0.49 32.22 24.43
N PRO B 48 0.01 32.75 25.58
CA PRO B 48 0.76 33.69 26.41
C PRO B 48 2.18 33.31 26.78
N PRO B 49 2.44 32.01 27.02
CA PRO B 49 3.80 31.62 27.39
C PRO B 49 4.85 32.11 26.39
N TRP B 50 4.48 32.18 25.12
CA TRP B 50 5.39 32.62 24.07
C TRP B 50 5.08 34.02 23.56
N ASP B 51 4.28 34.77 24.31
CA ASP B 51 3.92 36.13 23.92
C ASP B 51 3.13 36.15 22.59
N LYS B 52 2.17 35.24 22.49
CA LYS B 52 1.35 35.13 21.29
C LYS B 52 -0.12 35.39 21.60
N ASN B 53 -0.68 36.43 21.00
CA ASN B 53 -2.09 36.76 21.15
C ASN B 53 -2.50 37.61 19.95
N PHE B 54 -2.49 36.97 18.78
CA PHE B 54 -2.82 37.64 17.52
C PHE B 54 -4.24 38.21 17.49
N THR B 55 -4.41 39.28 16.72
CA THR B 55 -5.71 39.93 16.54
C THR B 55 -6.09 39.86 15.06
N GLU B 56 -7.35 40.13 14.76
CA GLU B 56 -7.85 40.08 13.39
C GLU B 56 -6.92 40.68 12.34
N ASN B 57 -6.36 41.86 12.62
CA ASN B 57 -5.49 42.53 11.67
C ASN B 57 -4.05 42.05 11.62
N ASP B 58 -3.68 41.10 12.47
CA ASP B 58 -2.33 40.56 12.48
C ASP B 58 -2.19 39.46 11.44
N LEU B 59 -3.27 38.69 11.28
CA LEU B 59 -3.28 37.55 10.38
C LEU B 59 -3.94 37.73 9.01
N LEU B 60 -3.78 36.69 8.19
CA LEU B 60 -4.33 36.62 6.84
C LEU B 60 -4.51 35.14 6.53
N VAL B 61 -5.67 34.76 6.01
CA VAL B 61 -5.87 33.36 5.65
C VAL B 61 -5.74 33.25 4.14
N ARG B 62 -5.06 32.19 3.69
CA ARG B 62 -4.86 31.95 2.27
C ARG B 62 -5.54 30.62 1.95
N ILE B 63 -6.54 30.70 1.07
CA ILE B 63 -7.35 29.54 0.71
C ILE B 63 -7.11 29.03 -0.71
N GLY B 64 -7.17 27.71 -0.87
CA GLY B 64 -6.98 27.11 -2.18
C GLY B 64 -5.55 26.97 -2.66
N LYS B 65 -4.59 27.12 -1.75
CA LYS B 65 -3.18 27.01 -2.12
C LYS B 65 -2.69 25.57 -2.24
N HIS B 66 -1.60 25.42 -2.99
CA HIS B 66 -0.93 24.13 -3.17
C HIS B 66 0.53 24.40 -2.80
N SER B 67 1.16 25.32 -3.53
CA SER B 67 2.55 25.67 -3.27
C SER B 67 2.62 26.41 -1.93
N ARG B 68 3.67 26.17 -1.16
CA ARG B 68 3.81 26.84 0.12
C ARG B 68 4.18 28.32 0.01
N THR B 69 5.21 28.61 -0.78
CA THR B 69 5.74 29.96 -0.96
C THR B 69 5.25 30.86 -2.10
N ARG B 70 5.06 30.31 -3.29
CA ARG B 70 4.64 31.15 -4.41
C ARG B 70 3.19 31.61 -4.39
N TYR B 71 2.97 32.81 -4.93
CA TYR B 71 1.65 33.42 -5.01
C TYR B 71 0.93 32.72 -6.14
N GLU B 72 -0.15 32.03 -5.83
CA GLU B 72 -0.87 31.29 -6.86
C GLU B 72 -2.07 32.09 -7.38
N ARG B 73 -1.74 33.14 -8.12
CA ARG B 73 -2.73 34.06 -8.69
C ARG B 73 -3.82 33.32 -9.47
N ASN B 74 -5.05 33.78 -9.32
CA ASN B 74 -6.21 33.18 -10.00
C ASN B 74 -6.55 31.79 -9.47
N ILE B 75 -5.83 31.36 -8.44
CA ILE B 75 -6.08 30.07 -7.81
C ILE B 75 -6.40 30.30 -6.34
N GLU B 76 -5.44 30.84 -5.60
CA GLU B 76 -5.68 31.09 -4.19
C GLU B 76 -6.43 32.40 -3.97
N LYS B 77 -7.14 32.45 -2.86
CA LYS B 77 -7.89 33.63 -2.47
C LYS B 77 -7.37 34.03 -1.09
N ILE B 78 -7.15 35.32 -0.92
CA ILE B 78 -6.65 35.84 0.34
C ILE B 78 -7.75 36.68 0.97
N SER B 79 -8.12 36.31 2.19
CA SER B 79 -9.19 37.00 2.89
C SER B 79 -8.72 37.57 4.23
N MET B 80 -9.30 38.69 4.62
CA MET B 80 -8.97 39.31 5.88
C MET B 80 -9.91 38.66 6.87
N LEU B 81 -9.57 38.74 8.14
CA LEU B 81 -10.41 38.15 9.16
C LEU B 81 -11.29 39.28 9.68
N GLU B 82 -12.53 38.94 10.02
CA GLU B 82 -13.43 39.94 10.55
C GLU B 82 -13.44 39.82 12.07
N LYS B 83 -13.32 38.59 12.56
CA LYS B 83 -13.30 38.36 14.00
C LYS B 83 -12.81 36.96 14.37
N ILE B 84 -12.10 36.88 15.48
CA ILE B 84 -11.56 35.63 15.98
C ILE B 84 -12.30 35.22 17.24
N TYR B 85 -12.65 33.94 17.34
CA TYR B 85 -13.36 33.43 18.50
C TYR B 85 -12.62 32.24 19.08
N ILE B 86 -12.17 32.39 20.31
CA ILE B 86 -11.44 31.34 20.99
C ILE B 86 -12.35 30.69 22.02
N HIS B 87 -12.26 29.36 22.17
CA HIS B 87 -13.12 28.69 23.13
C HIS B 87 -12.85 29.23 24.54
N PRO B 88 -13.92 29.61 25.25
CA PRO B 88 -13.80 30.16 26.62
C PRO B 88 -13.01 29.28 27.58
N ARG B 89 -13.25 27.98 27.53
CA ARG B 89 -12.55 27.06 28.43
C ARG B 89 -11.23 26.51 27.89
N TYR B 90 -10.67 27.18 26.88
CA TYR B 90 -9.39 26.77 26.31
C TYR B 90 -8.31 26.90 27.39
N ASN B 91 -7.67 25.77 27.71
CA ASN B 91 -6.64 25.76 28.75
C ASN B 91 -5.22 25.87 28.21
N TRP B 92 -4.71 27.09 28.05
CA TRP B 92 -3.37 27.24 27.53
C TRP B 92 -2.34 27.11 28.67
N ARG B 93 -2.82 27.18 29.91
CA ARG B 93 -1.94 27.07 31.08
C ARG B 93 -1.42 25.66 31.31
N GLU B 94 -2.23 24.65 31.01
CA GLU B 94 -1.82 23.28 31.26
C GLU B 94 -1.63 22.33 30.07
N ASN B 95 -2.72 21.70 29.67
CA ASN B 95 -2.70 20.72 28.59
C ASN B 95 -3.30 21.14 27.25
N LEU B 96 -3.63 22.41 27.09
CA LEU B 96 -4.22 22.84 25.83
C LEU B 96 -5.58 22.18 25.64
N ASP B 97 -6.32 22.02 26.74
CA ASP B 97 -7.65 21.41 26.68
C ASP B 97 -8.56 22.34 25.88
N ARG B 98 -9.51 21.76 25.15
CA ARG B 98 -10.44 22.54 24.32
C ARG B 98 -9.70 23.50 23.39
N ASN B 99 -8.71 22.98 22.66
CA ASN B 99 -7.91 23.78 21.74
C ASN B 99 -8.62 23.97 20.40
N ILE B 100 -9.52 24.93 20.35
CA ILE B 100 -10.26 25.18 19.13
C ILE B 100 -10.60 26.67 19.05
N ALA B 101 -10.73 27.17 17.83
CA ALA B 101 -11.07 28.57 17.60
C ALA B 101 -11.73 28.70 16.23
N LEU B 102 -12.56 29.72 16.08
CA LEU B 102 -13.24 29.98 14.82
C LEU B 102 -12.86 31.37 14.35
N MET B 103 -12.74 31.54 13.03
CA MET B 103 -12.40 32.84 12.47
C MET B 103 -13.40 33.17 11.36
N LYS B 104 -14.06 34.31 11.50
CA LYS B 104 -15.04 34.74 10.50
C LYS B 104 -14.34 35.62 9.48
N LEU B 105 -14.45 35.27 8.20
CA LEU B 105 -13.82 36.05 7.16
C LEU B 105 -14.59 37.36 7.01
N LYS B 106 -13.93 38.39 6.51
CA LYS B 106 -14.57 39.70 6.34
C LYS B 106 -15.64 39.63 5.24
N LYS B 107 -15.29 39.00 4.13
CA LYS B 107 -16.19 38.83 3.01
C LYS B 107 -16.14 37.37 2.59
N PRO B 108 -17.31 36.75 2.41
CA PRO B 108 -17.32 35.33 2.02
C PRO B 108 -16.49 35.06 0.77
N VAL B 109 -15.83 33.90 0.75
CA VAL B 109 -14.98 33.51 -0.37
C VAL B 109 -15.80 32.73 -1.40
N ALA B 110 -15.33 32.73 -2.65
CA ALA B 110 -16.01 32.01 -3.72
C ALA B 110 -15.42 30.61 -3.87
N PHE B 111 -16.28 29.62 -4.08
CA PHE B 111 -15.81 28.25 -4.25
C PHE B 111 -15.32 28.02 -5.67
N SER B 112 -14.50 26.99 -5.84
CA SER B 112 -13.90 26.65 -7.13
C SER B 112 -13.41 25.22 -7.05
N ASP B 113 -12.62 24.80 -8.03
CA ASP B 113 -12.06 23.46 -8.03
C ASP B 113 -11.01 23.31 -6.92
N TYR B 114 -10.45 24.44 -6.48
CA TYR B 114 -9.40 24.45 -5.46
C TYR B 114 -9.86 24.96 -4.10
N ILE B 115 -11.09 25.48 -4.05
CA ILE B 115 -11.64 25.98 -2.80
C ILE B 115 -13.02 25.38 -2.56
N HIS B 116 -13.11 24.55 -1.53
CA HIS B 116 -14.36 23.89 -1.18
C HIS B 116 -14.33 23.53 0.31
N PRO B 117 -15.44 23.78 1.02
CA PRO B 117 -15.56 23.51 2.46
C PRO B 117 -15.67 22.02 2.83
N VAL B 118 -15.17 21.67 4.01
CA VAL B 118 -15.23 20.29 4.46
C VAL B 118 -16.46 20.16 5.36
N CYS B 119 -16.96 18.95 5.53
CA CYS B 119 -18.11 18.75 6.39
C CYS B 119 -17.69 18.57 7.84
N LEU B 120 -18.53 19.04 8.77
CA LEU B 120 -18.28 18.82 10.18
C LEU B 120 -19.20 17.64 10.46
N PRO B 121 -18.77 16.71 11.31
CA PRO B 121 -19.56 15.53 11.64
C PRO B 121 -20.81 15.71 12.50
N ASP B 122 -21.76 14.80 12.33
CA ASP B 122 -22.99 14.77 13.10
C ASP B 122 -22.74 13.69 14.16
N ARG B 123 -23.58 13.60 15.16
CA ARG B 123 -23.40 12.60 16.22
C ARG B 123 -23.16 11.20 15.65
N GLU B 124 -24.06 10.79 14.76
CA GLU B 124 -23.98 9.48 14.14
C GLU B 124 -22.65 9.23 13.40
N THR B 125 -22.25 10.16 12.54
CA THR B 125 -20.99 9.99 11.82
C THR B 125 -19.79 9.88 12.74
N ALA B 126 -19.72 10.76 13.74
CA ALA B 126 -18.60 10.76 14.68
C ALA B 126 -18.53 9.50 15.51
N ALA B 127 -19.69 8.99 15.92
CA ALA B 127 -19.73 7.77 16.71
C ALA B 127 -19.17 6.57 15.94
N SER B 128 -19.57 6.42 14.69
CA SER B 128 -19.10 5.28 13.91
C SER B 128 -17.71 5.38 13.30
N LEU B 129 -17.24 6.60 13.01
CA LEU B 129 -15.92 6.72 12.39
C LEU B 129 -14.76 6.95 13.32
N LEU B 130 -15.01 7.56 14.48
CA LEU B 130 -13.93 7.82 15.41
C LEU B 130 -13.64 6.57 16.23
N GLN B 131 -13.09 5.56 15.58
CA GLN B 131 -12.78 4.27 16.19
C GLN B 131 -11.30 3.93 16.00
N ALA B 132 -10.70 3.28 16.99
CA ALA B 132 -9.31 2.89 16.91
C ALA B 132 -9.08 1.94 15.74
N GLY B 133 -8.02 2.19 14.97
CA GLY B 133 -7.74 1.33 13.84
C GLY B 133 -8.12 1.99 12.53
N TYR B 134 -9.18 2.81 12.54
CA TYR B 134 -9.61 3.52 11.32
C TYR B 134 -8.58 4.61 11.03
N LYS B 135 -8.36 4.90 9.76
CA LYS B 135 -7.39 5.94 9.41
C LYS B 135 -8.04 7.24 8.94
N GLY B 136 -7.42 8.33 9.35
CA GLY B 136 -7.89 9.65 8.97
C GLY B 136 -6.74 10.28 8.19
N ARG B 137 -6.94 11.49 7.72
CA ARG B 137 -5.91 12.15 6.93
C ARG B 137 -5.55 13.52 7.49
N VAL B 138 -4.25 13.80 7.57
CA VAL B 138 -3.75 15.08 8.07
C VAL B 138 -2.94 15.75 6.95
N THR B 139 -3.12 17.05 6.79
CA THR B 139 -2.43 17.79 5.75
C THR B 139 -1.85 19.09 6.29
N GLY B 140 -0.81 19.59 5.64
CA GLY B 140 -0.20 20.83 6.07
C GLY B 140 1.14 21.16 5.42
N TRP B 141 1.64 22.35 5.70
CA TRP B 141 2.92 22.82 5.16
C TRP B 141 3.97 22.89 6.25
N GLY B 142 3.75 22.15 7.34
CA GLY B 142 4.69 22.14 8.45
C GLY B 142 6.00 21.46 8.16
N ASN B 143 6.92 21.46 9.13
CA ASN B 143 8.24 20.85 8.96
C ASN B 143 8.15 19.38 8.59
N LEU B 144 9.15 18.91 7.85
CA LEU B 144 9.19 17.53 7.39
C LEU B 144 9.87 16.59 8.39
N LYS B 145 10.48 17.18 9.41
CA LYS B 145 11.19 16.42 10.44
C LYS B 145 11.28 17.24 11.72
N GLU B 146 11.39 16.57 12.85
CA GLU B 146 11.50 17.28 14.11
C GLU B 146 12.79 18.10 14.18
N THR B 147 13.91 17.46 13.86
CA THR B 147 15.21 18.15 13.92
C THR B 147 16.05 17.95 12.66
N LYS B 154 15.62 22.61 3.70
CA LYS B 154 14.73 23.67 4.17
C LYS B 154 13.87 23.21 5.34
N GLY B 155 13.85 21.89 5.56
CA GLY B 155 13.05 21.34 6.63
C GLY B 155 11.57 21.65 6.42
N GLN B 156 11.29 22.39 5.36
CA GLN B 156 9.93 22.80 5.01
C GLN B 156 9.69 22.29 3.59
N PRO B 157 8.44 21.89 3.26
CA PRO B 157 8.13 21.38 1.92
C PRO B 157 7.82 22.51 0.92
N SER B 158 7.92 22.22 -0.37
CA SER B 158 7.61 23.23 -1.38
C SER B 158 6.12 23.16 -1.72
N VAL B 159 5.52 22.03 -1.39
CA VAL B 159 4.11 21.78 -1.67
C VAL B 159 3.36 21.16 -0.48
N LEU B 160 2.06 21.41 -0.43
CA LEU B 160 1.19 20.88 0.62
C LEU B 160 1.45 19.39 0.75
N GLN B 161 1.59 18.91 1.99
CA GLN B 161 1.85 17.50 2.26
C GLN B 161 0.64 16.78 2.89
N VAL B 162 0.56 15.48 2.68
CA VAL B 162 -0.52 14.69 3.24
C VAL B 162 -0.03 13.34 3.75
N VAL B 163 -0.67 12.84 4.79
CA VAL B 163 -0.32 11.53 5.33
C VAL B 163 -1.55 10.93 6.03
N ASN B 164 -1.71 9.62 5.91
CA ASN B 164 -2.84 8.94 6.53
C ASN B 164 -2.36 8.26 7.82
N LEU B 165 -3.06 8.50 8.92
CA LEU B 165 -2.69 7.94 10.21
C LEU B 165 -3.87 7.26 10.90
N PRO B 166 -3.62 6.14 11.60
CA PRO B 166 -4.63 5.37 12.33
C PRO B 166 -4.99 5.97 13.68
N ILE B 167 -6.29 6.01 13.99
CA ILE B 167 -6.74 6.51 15.28
C ILE B 167 -6.25 5.48 16.32
N VAL B 168 -5.85 5.95 17.49
CA VAL B 168 -5.32 5.08 18.54
C VAL B 168 -6.23 4.91 19.74
N GLU B 169 -6.20 3.73 20.34
CA GLU B 169 -7.02 3.45 21.52
C GLU B 169 -6.71 4.46 22.60
N ARG B 170 -7.75 4.91 23.29
CA ARG B 170 -7.61 5.91 24.34
C ARG B 170 -6.63 5.51 25.46
N PRO B 171 -6.66 4.25 25.93
CA PRO B 171 -5.74 3.83 27.00
C PRO B 171 -4.29 4.01 26.57
N VAL B 172 -3.99 3.60 25.33
CA VAL B 172 -2.64 3.71 24.78
C VAL B 172 -2.22 5.18 24.67
N CYS B 173 -3.14 6.05 24.24
CA CYS B 173 -2.83 7.47 24.13
C CYS B 173 -2.46 7.98 25.53
N LYS B 174 -3.25 7.56 26.51
CA LYS B 174 -3.04 7.99 27.90
C LYS B 174 -1.73 7.52 28.48
N ASP B 175 -1.33 6.28 28.18
CA ASP B 175 -0.08 5.74 28.69
C ASP B 175 1.16 6.21 27.97
N SER B 176 0.98 6.90 26.85
CA SER B 176 2.13 7.37 26.07
C SER B 176 2.62 8.74 26.48
N THR B 177 1.99 9.32 27.49
CA THR B 177 2.37 10.66 27.92
C THR B 177 1.99 10.94 29.36
N ARG B 178 2.63 11.94 29.96
CA ARG B 178 2.38 12.35 31.33
C ARG B 178 1.31 13.44 31.36
N ILE B 179 1.02 13.99 30.19
CA ILE B 179 0.03 15.04 30.09
C ILE B 179 -1.38 14.49 30.23
N ARG B 180 -2.20 15.20 31.00
CA ARG B 180 -3.58 14.80 31.23
C ARG B 180 -4.37 14.92 29.93
N ILE B 181 -4.88 13.80 29.43
CA ILE B 181 -5.64 13.83 28.19
C ILE B 181 -7.13 13.89 28.52
N THR B 182 -7.86 14.75 27.82
CA THR B 182 -9.29 14.93 28.07
C THR B 182 -10.16 14.32 26.98
N ASP B 183 -11.47 14.32 27.21
CA ASP B 183 -12.42 13.77 26.25
C ASP B 183 -12.57 14.55 24.96
N ASN B 184 -12.09 15.79 24.91
CA ASN B 184 -12.17 16.54 23.67
C ASN B 184 -10.84 16.43 22.93
N MET B 185 -10.16 15.31 23.18
CA MET B 185 -8.88 15.01 22.54
C MET B 185 -8.88 13.55 22.13
N PHE B 186 -8.20 13.24 21.04
CA PHE B 186 -8.02 11.86 20.60
C PHE B 186 -6.63 11.85 19.98
N CYS B 187 -6.01 10.68 19.86
CA CYS B 187 -4.67 10.65 19.29
C CYS B 187 -4.61 9.69 18.12
N ALA B 188 -3.64 9.93 17.25
CA ALA B 188 -3.47 9.13 16.04
C ALA B 188 -2.00 8.88 15.75
N GLY B 189 -1.72 7.84 14.98
CA GLY B 189 -0.34 7.55 14.64
C GLY B 189 -0.05 6.07 14.72
N TYR B 190 1.04 5.66 14.09
CA TYR B 190 1.40 4.25 14.12
C TYR B 190 2.15 3.95 15.40
N LYS B 191 1.95 2.72 15.91
CA LYS B 191 2.63 2.27 17.11
C LYS B 191 4.00 1.83 16.64
N PRO B 192 5.00 1.83 17.54
CA PRO B 192 6.37 1.44 17.24
C PRO B 192 6.56 0.15 16.43
N ASP B 193 5.68 -0.82 16.63
CA ASP B 193 5.79 -2.09 15.92
C ASP B 193 4.93 -2.26 14.67
N GLU B 194 4.25 -1.20 14.24
CA GLU B 194 3.40 -1.29 13.06
C GLU B 194 4.17 -1.03 11.77
N GLY B 195 5.44 -0.63 11.91
CA GLY B 195 6.25 -0.38 10.73
C GLY B 195 6.19 1.02 10.16
N LYS B 196 5.04 1.40 9.62
CA LYS B 196 4.89 2.74 9.05
C LYS B 196 5.08 3.85 10.07
N ARG B 197 5.42 5.04 9.56
CA ARG B 197 5.62 6.20 10.41
C ARG B 197 4.80 7.37 9.88
N GLY B 198 4.90 8.52 10.54
CA GLY B 198 4.14 9.66 10.10
C GLY B 198 3.55 10.44 11.24
N ASP B 199 3.40 11.73 11.07
CA ASP B 199 2.88 12.57 12.12
C ASP B 199 2.82 14.01 11.62
N ALA B 200 2.12 14.84 12.39
CA ALA B 200 1.99 16.25 12.12
C ALA B 200 3.20 16.85 12.82
N CYS B 201 3.59 18.06 12.44
CA CYS B 201 4.74 18.71 13.06
C CYS B 201 4.58 20.23 13.05
N GLU B 202 5.60 20.93 13.55
CA GLU B 202 5.57 22.38 13.62
C GLU B 202 5.10 23.00 12.33
N GLY B 203 4.05 23.80 12.41
CA GLY B 203 3.52 24.45 11.22
C GLY B 203 2.25 23.77 10.72
N ASP B 204 1.94 22.58 11.25
CA ASP B 204 0.74 21.84 10.85
C ASP B 204 -0.43 22.07 11.82
N SER B 205 -0.12 22.66 12.98
CA SER B 205 -1.12 22.94 13.99
C SER B 205 -2.28 23.72 13.37
N GLY B 206 -3.50 23.43 13.83
CA GLY B 206 -4.66 24.11 13.30
C GLY B 206 -5.22 23.43 12.06
N GLY B 207 -4.42 22.56 11.46
CA GLY B 207 -4.87 21.84 10.26
C GLY B 207 -5.93 20.81 10.58
N PRO B 208 -6.65 20.32 9.55
CA PRO B 208 -7.70 19.32 9.75
C PRO B 208 -7.26 17.85 9.71
N PHE B 209 -7.93 17.03 10.52
CA PHE B 209 -7.72 15.59 10.53
C PHE B 209 -9.08 15.20 9.92
N VAL B 210 -9.06 14.71 8.69
CA VAL B 210 -10.29 14.38 7.99
C VAL B 210 -10.44 12.89 7.69
N MET B 211 -11.68 12.45 7.56
CA MET B 211 -11.98 11.06 7.26
C MET B 211 -13.03 11.03 6.18
N LYS B 212 -12.95 10.05 5.29
CA LYS B 212 -13.94 9.94 4.24
C LYS B 212 -15.03 8.98 4.71
N SER B 213 -16.27 9.45 4.67
CA SER B 213 -17.39 8.62 5.07
C SER B 213 -17.65 7.56 4.04
N PRO B 214 -17.85 6.31 4.47
CA PRO B 214 -18.13 5.23 3.52
C PRO B 214 -19.64 5.18 3.24
N PHE B 215 -20.38 6.02 3.95
CA PHE B 215 -21.84 6.06 3.82
C PHE B 215 -22.35 7.06 2.77
N ASN B 216 -21.63 8.17 2.60
CA ASN B 216 -22.04 9.18 1.64
C ASN B 216 -20.90 9.81 0.83
N ASN B 217 -19.72 9.18 0.85
CA ASN B 217 -18.56 9.66 0.11
C ASN B 217 -18.08 11.07 0.42
N ARG B 218 -18.54 11.66 1.52
CA ARG B 218 -18.10 13.01 1.85
C ARG B 218 -16.95 12.99 2.84
N TRP B 219 -16.11 14.02 2.80
CA TRP B 219 -15.00 14.14 3.73
C TRP B 219 -15.49 14.92 4.92
N TYR B 220 -15.18 14.41 6.11
CA TYR B 220 -15.58 15.02 7.37
C TYR B 220 -14.36 15.36 8.21
N GLN B 221 -14.38 16.52 8.86
CA GLN B 221 -13.28 16.91 9.71
C GLN B 221 -13.55 16.40 11.13
N MET B 222 -12.84 15.36 11.53
CA MET B 222 -13.03 14.80 12.86
C MET B 222 -12.19 15.55 13.89
N GLY B 223 -11.02 16.04 13.47
CA GLY B 223 -10.16 16.75 14.40
C GLY B 223 -9.34 17.90 13.87
N ILE B 224 -8.66 18.57 14.79
CA ILE B 224 -7.80 19.71 14.51
C ILE B 224 -6.41 19.38 15.08
N VAL B 225 -5.36 19.51 14.27
CA VAL B 225 -3.99 19.23 14.73
C VAL B 225 -3.83 20.06 16.01
N SER B 226 -3.58 19.41 17.15
CA SER B 226 -3.45 20.14 18.41
C SER B 226 -2.05 20.20 19.02
N TRP B 227 -1.55 19.08 19.54
CA TRP B 227 -0.21 19.06 20.12
C TRP B 227 0.44 17.69 20.08
N GLY B 228 1.74 17.67 20.34
CA GLY B 228 2.48 16.43 20.35
C GLY B 228 3.81 16.68 21.04
N GLU B 229 4.50 15.62 21.40
CA GLU B 229 5.82 15.75 22.03
C GLU B 229 6.79 15.39 20.93
N GLY B 230 7.49 16.40 20.41
CA GLY B 230 8.39 16.17 19.31
C GLY B 230 7.53 15.82 18.10
N CYS B 231 8.12 15.21 17.09
CA CYS B 231 7.39 14.85 15.89
C CYS B 231 7.77 13.46 15.47
N ASP B 232 6.76 12.64 15.22
CA ASP B 232 6.97 11.26 14.77
C ASP B 232 7.93 10.44 15.64
N ARG B 233 7.90 10.63 16.95
CA ARG B 233 8.77 9.85 17.85
C ARG B 233 8.15 8.50 18.18
N ASP B 234 8.96 7.46 18.24
CA ASP B 234 8.48 6.12 18.55
C ASP B 234 7.85 6.14 19.95
N GLY B 235 6.62 5.63 20.05
CA GLY B 235 5.95 5.60 21.34
C GLY B 235 5.11 6.84 21.63
N LYS B 236 5.22 7.86 20.77
CA LYS B 236 4.43 9.07 20.96
C LYS B 236 3.39 9.12 19.86
N TYR B 237 2.35 9.92 20.09
CA TYR B 237 1.28 10.05 19.14
C TYR B 237 0.88 11.50 19.03
N GLY B 238 0.32 11.88 17.89
CA GLY B 238 -0.14 13.25 17.73
C GLY B 238 -1.51 13.34 18.38
N PHE B 239 -1.81 14.46 19.02
CA PHE B 239 -3.10 14.64 19.64
C PHE B 239 -3.93 15.64 18.85
N TYR B 240 -5.23 15.35 18.77
CA TYR B 240 -6.15 16.16 18.01
C TYR B 240 -7.36 16.59 18.82
N THR B 241 -7.89 17.77 18.51
CA THR B 241 -9.08 18.24 19.19
C THR B 241 -10.27 17.50 18.59
N HIS B 242 -11.06 16.88 19.45
CA HIS B 242 -12.24 16.12 19.06
C HIS B 242 -13.30 17.14 18.63
N VAL B 243 -13.42 17.37 17.33
CA VAL B 243 -14.38 18.37 16.84
C VAL B 243 -15.84 18.16 17.24
N PHE B 244 -16.37 16.95 17.07
CA PHE B 244 -17.76 16.74 17.45
C PHE B 244 -17.99 17.09 18.92
N ARG B 245 -17.06 16.71 19.79
CA ARG B 245 -17.17 17.00 21.22
C ARG B 245 -17.40 18.48 21.49
N LEU B 246 -16.88 19.35 20.62
CA LEU B 246 -17.03 20.78 20.82
C LEU B 246 -18.01 21.42 19.84
N LYS B 247 -18.83 20.59 19.20
CA LYS B 247 -19.81 21.03 18.22
C LYS B 247 -20.81 22.07 18.77
N LYS B 248 -21.17 21.97 20.04
CA LYS B 248 -22.12 22.91 20.61
C LYS B 248 -21.55 24.32 20.67
N TRP B 249 -20.27 24.44 21.02
CA TRP B 249 -19.65 25.74 21.08
C TRP B 249 -19.59 26.35 19.69
N ILE B 250 -19.28 25.52 18.70
CA ILE B 250 -19.20 26.00 17.31
C ILE B 250 -20.55 26.55 16.89
N GLN B 251 -21.60 25.79 17.14
CA GLN B 251 -22.95 26.22 16.77
C GLN B 251 -23.29 27.51 17.50
N LYS B 252 -23.08 27.52 18.80
CA LYS B 252 -23.36 28.69 19.62
C LYS B 252 -22.72 29.95 19.02
N VAL B 253 -21.42 29.87 18.75
CA VAL B 253 -20.72 31.00 18.19
C VAL B 253 -21.28 31.45 16.85
N ILE B 254 -21.47 30.51 15.94
CA ILE B 254 -21.98 30.83 14.61
C ILE B 254 -23.39 31.42 14.62
N ASP B 255 -24.31 30.81 15.36
CA ASP B 255 -25.67 31.33 15.42
C ASP B 255 -25.73 32.57 16.32
N GLN B 256 -24.89 33.55 16.01
CA GLN B 256 -24.83 34.78 16.80
C GLN B 256 -23.72 35.70 16.30
N PHE B 257 -22.60 35.10 15.88
CA PHE B 257 -21.43 35.83 15.41
C PHE B 257 -20.69 36.44 16.60
N ASN C 1 -6.35 -5.46 13.30
CA ASN C 1 -6.30 -6.35 14.50
C ASN C 1 -7.71 -6.48 15.07
N ASP C 2 -8.51 -7.35 14.45
CA ASP C 2 -9.89 -7.54 14.89
C ASP C 2 -10.58 -6.19 14.77
N LYS C 3 -11.21 -5.95 13.63
CA LYS C 3 -11.85 -4.67 13.37
C LYS C 3 -13.28 -4.79 12.83
N TYR C 4 -14.16 -3.93 13.31
CA TYR C 4 -15.56 -3.90 12.87
C TYR C 4 -15.81 -2.85 11.79
N GLU C 5 -16.52 -3.24 10.73
CA GLU C 5 -16.82 -2.30 9.66
C GLU C 5 -17.78 -1.25 10.19
N PRO C 6 -17.67 -0.01 9.70
CA PRO C 6 -18.59 1.03 10.18
C PRO C 6 -19.96 0.68 9.63
N PHE C 7 -21.02 1.17 10.28
CA PHE C 7 -22.38 0.93 9.80
C PHE C 7 -23.35 2.05 10.17
N TRP C 8 -24.30 2.30 9.26
CA TRP C 8 -25.35 3.31 9.42
C TRP C 8 -25.10 4.76 9.00
N GLU C 9 -25.69 5.68 9.76
CA GLU C 9 -25.63 7.12 9.53
C GLU C 9 -26.74 7.51 8.57
N TYR D 3 24.50 -19.68 -24.21
CA TYR D 3 24.26 -19.84 -22.75
C TYR D 3 25.44 -20.50 -22.04
N GLN D 4 25.83 -19.92 -20.91
CA GLN D 4 26.94 -20.43 -20.11
C GLN D 4 26.42 -21.12 -18.86
N THR D 5 26.76 -22.40 -18.69
CA THR D 5 26.32 -23.15 -17.52
C THR D 5 26.96 -22.54 -16.27
N PHE D 6 26.29 -22.68 -15.13
CA PHE D 6 26.81 -22.12 -13.90
C PHE D 6 27.05 -23.17 -12.82
N PHE D 7 26.20 -24.18 -12.78
CA PHE D 7 26.31 -25.25 -11.79
C PHE D 7 27.14 -26.41 -12.30
N ASN D 8 27.56 -27.24 -11.35
CA ASN D 8 28.36 -28.42 -11.65
C ASN D 8 27.38 -29.54 -12.02
N PRO D 9 27.40 -30.00 -13.28
CA PRO D 9 26.51 -31.07 -13.74
C PRO D 9 26.58 -32.31 -12.86
N ARG D 10 27.74 -32.51 -12.24
CA ARG D 10 27.99 -33.66 -11.38
C ARG D 10 27.01 -33.73 -10.20
N THR D 11 26.70 -32.57 -9.62
CA THR D 11 25.79 -32.49 -8.49
C THR D 11 24.43 -31.92 -8.88
N PHE D 12 24.43 -31.03 -9.86
CA PHE D 12 23.21 -30.39 -10.33
C PHE D 12 22.39 -31.35 -11.19
N GLY D 13 23.08 -32.20 -11.93
CA GLY D 13 22.40 -33.14 -12.82
C GLY D 13 22.48 -32.56 -14.22
N SER D 14 21.81 -33.19 -15.19
CA SER D 14 21.87 -32.69 -16.56
C SER D 14 20.70 -31.77 -16.89
N GLY D 15 20.84 -31.00 -17.96
CA GLY D 15 19.78 -30.11 -18.37
C GLY D 15 20.07 -28.62 -18.41
N GLU D 16 20.98 -28.13 -17.58
CA GLU D 16 21.27 -26.70 -17.55
C GLU D 16 21.71 -26.15 -18.90
N ALA D 17 22.52 -26.91 -19.63
CA ALA D 17 23.03 -26.48 -20.93
C ALA D 17 21.92 -26.04 -21.88
N ASP D 18 20.85 -26.81 -21.93
CA ASP D 18 19.73 -26.54 -22.82
C ASP D 18 18.49 -26.00 -22.09
N CYS D 19 18.72 -25.31 -20.97
CA CYS D 19 17.60 -24.77 -20.18
C CYS D 19 16.85 -23.62 -20.84
N GLY D 20 15.59 -23.48 -20.46
CA GLY D 20 14.76 -22.40 -20.94
C GLY D 20 14.34 -22.40 -22.39
N LEU D 21 14.59 -23.47 -23.12
CA LEU D 21 14.21 -23.56 -24.51
C LEU D 21 13.15 -24.64 -24.65
N ARG D 22 11.91 -24.22 -24.86
CA ARG D 22 10.78 -25.15 -24.97
C ARG D 22 10.71 -25.99 -26.24
N PRO D 23 10.59 -27.31 -26.08
CA PRO D 23 10.51 -28.31 -27.15
C PRO D 23 9.38 -28.05 -28.16
N LEU D 24 8.24 -27.57 -27.68
CA LEU D 24 7.11 -27.29 -28.57
C LEU D 24 7.01 -25.83 -28.98
N PHE D 25 7.99 -25.02 -28.60
CA PHE D 25 7.95 -23.61 -28.96
C PHE D 25 9.23 -23.07 -29.58
N GLU D 26 10.21 -22.69 -28.77
CA GLU D 26 11.46 -22.17 -29.31
C GLU D 26 12.09 -23.17 -30.26
N LYS D 27 12.05 -24.46 -29.91
CA LYS D 27 12.63 -25.50 -30.73
C LYS D 27 11.99 -25.61 -32.11
N LYS D 28 10.69 -25.36 -32.19
CA LYS D 28 9.99 -25.47 -33.48
C LYS D 28 9.69 -24.12 -34.12
N SER D 29 10.36 -23.08 -33.64
CA SER D 29 10.15 -21.74 -34.17
C SER D 29 8.70 -21.32 -33.99
N LEU D 30 8.09 -21.79 -32.91
CA LEU D 30 6.71 -21.45 -32.59
C LEU D 30 6.66 -20.61 -31.31
N GLU D 31 5.85 -19.55 -31.34
CA GLU D 31 5.72 -18.69 -30.16
C GLU D 31 4.38 -18.97 -29.51
N ASP D 32 4.29 -18.82 -28.19
CA ASP D 32 3.01 -19.05 -27.53
C ASP D 32 2.14 -17.81 -27.65
N LYS D 33 0.86 -17.98 -27.34
CA LYS D 33 -0.12 -16.91 -27.47
C LYS D 33 0.16 -15.59 -26.78
N THR D 34 1.02 -15.56 -25.77
CA THR D 34 1.25 -14.30 -25.09
C THR D 34 2.68 -13.83 -24.86
N GLU D 35 3.67 -14.61 -25.24
CA GLU D 35 5.04 -14.16 -25.01
C GLU D 35 5.32 -12.82 -25.67
N ARG D 36 4.63 -12.54 -26.78
CA ARG D 36 4.83 -11.27 -27.47
C ARG D 36 4.51 -10.10 -26.54
N GLU D 37 3.56 -10.29 -25.64
CA GLU D 37 3.21 -9.25 -24.68
C GLU D 37 4.39 -8.99 -23.75
N LEU D 38 5.16 -10.03 -23.45
CA LEU D 38 6.32 -9.89 -22.57
C LEU D 38 7.45 -9.17 -23.28
N LEU D 39 7.71 -9.57 -24.52
CA LEU D 39 8.77 -8.95 -25.30
C LEU D 39 8.45 -7.47 -25.53
N GLU D 40 7.19 -7.16 -25.79
CA GLU D 40 6.78 -5.78 -25.99
C GLU D 40 6.97 -4.93 -24.74
N SER D 41 6.95 -5.55 -23.57
CA SER D 41 7.12 -4.80 -22.33
C SER D 41 8.56 -4.27 -22.24
N TYR D 42 9.44 -4.81 -23.08
CA TYR D 42 10.84 -4.36 -23.09
C TYR D 42 10.99 -3.12 -23.96
N ILE D 43 10.18 -3.03 -25.01
CA ILE D 43 10.22 -1.90 -25.94
C ILE D 43 9.26 -0.81 -25.52
N ASP D 44 8.00 -0.96 -25.96
CA ASP D 44 6.93 -0.03 -25.66
C ASP D 44 6.90 0.34 -24.19
N ILE E 1 -4.29 -18.74 -9.95
CA ILE E 1 -4.04 -17.57 -10.86
C ILE E 1 -5.34 -16.82 -11.12
N VAL E 2 -5.38 -15.55 -10.73
CA VAL E 2 -6.57 -14.72 -10.93
C VAL E 2 -6.44 -13.83 -12.17
N GLU E 3 -7.50 -13.82 -12.98
CA GLU E 3 -7.54 -13.03 -14.21
C GLU E 3 -6.52 -13.47 -15.25
N GLY E 4 -6.27 -14.78 -15.32
CA GLY E 4 -5.33 -15.31 -16.29
C GLY E 4 -6.07 -16.12 -17.32
N SER E 5 -5.34 -16.89 -18.13
CA SER E 5 -5.98 -17.71 -19.14
C SER E 5 -5.35 -19.08 -19.16
N ASP E 6 -5.94 -19.98 -19.94
CA ASP E 6 -5.47 -21.35 -20.06
C ASP E 6 -4.09 -21.38 -20.70
N ALA E 7 -3.19 -22.15 -20.11
CA ALA E 7 -1.85 -22.29 -20.67
C ALA E 7 -1.98 -23.23 -21.87
N GLU E 8 -1.08 -23.08 -22.83
CA GLU E 8 -1.10 -23.95 -24.00
C GLU E 8 -0.29 -25.17 -23.61
N ILE E 9 -0.44 -26.23 -24.38
CA ILE E 9 0.30 -27.45 -24.09
C ILE E 9 1.81 -27.25 -24.30
N GLY E 10 2.58 -27.60 -23.28
CA GLY E 10 4.03 -27.48 -23.36
C GLY E 10 4.55 -26.05 -23.27
N MET E 11 3.70 -25.15 -22.82
CA MET E 11 4.04 -23.74 -22.68
C MET E 11 4.95 -23.47 -21.47
N SER E 12 4.80 -24.29 -20.44
CA SER E 12 5.58 -24.12 -19.20
C SER E 12 6.04 -25.50 -18.73
N PRO E 13 6.90 -26.16 -19.53
CA PRO E 13 7.42 -27.50 -19.24
C PRO E 13 8.22 -27.67 -17.96
N TRP E 14 8.48 -26.56 -17.26
CA TRP E 14 9.22 -26.62 -16.01
C TRP E 14 8.28 -26.48 -14.82
N GLN E 15 6.98 -26.37 -15.10
CA GLN E 15 5.99 -26.24 -14.06
C GLN E 15 5.87 -27.54 -13.27
N VAL E 16 6.01 -27.45 -11.96
CA VAL E 16 5.90 -28.63 -11.11
C VAL E 16 4.77 -28.45 -10.12
N MET E 17 4.01 -29.53 -9.90
CA MET E 17 2.91 -29.52 -8.96
C MET E 17 3.32 -30.32 -7.72
N LEU E 18 3.29 -29.68 -6.56
CA LEU E 18 3.62 -30.35 -5.31
C LEU E 18 2.28 -30.91 -4.85
N PHE E 19 2.20 -32.24 -4.72
CA PHE E 19 0.97 -32.92 -4.36
C PHE E 19 1.02 -33.67 -3.03
N ARG E 20 -0.15 -33.84 -2.43
CA ARG E 20 -0.30 -34.55 -1.16
C ARG E 20 -0.94 -35.87 -1.50
N LYS E 21 -0.20 -36.97 -1.34
CA LYS E 21 -0.72 -38.29 -1.66
C LYS E 21 -2.04 -38.63 -0.97
N SER E 22 -2.12 -38.41 0.34
CA SER E 22 -3.34 -38.73 1.08
C SER E 22 -3.51 -37.90 2.35
N PRO E 23 -4.64 -37.18 2.45
CA PRO E 23 -5.69 -37.14 1.41
C PRO E 23 -5.30 -36.38 0.14
N GLN E 24 -5.71 -36.93 -0.98
CA GLN E 24 -5.48 -36.39 -2.32
C GLN E 24 -5.72 -34.88 -2.33
N GLU E 25 -4.65 -34.09 -2.40
CA GLU E 25 -4.78 -32.63 -2.38
C GLU E 25 -3.61 -31.87 -3.04
N LEU E 26 -3.94 -30.87 -3.84
CA LEU E 26 -2.92 -30.03 -4.49
C LEU E 26 -2.38 -29.10 -3.41
N LEU E 27 -1.06 -29.02 -3.29
CA LEU E 27 -0.46 -28.17 -2.26
C LEU E 27 0.15 -26.85 -2.76
N CYS E 28 0.98 -26.93 -3.79
CA CYS E 28 1.65 -25.75 -4.30
C CYS E 28 2.23 -25.98 -5.68
N GLY E 29 2.94 -24.96 -6.15
CA GLY E 29 3.59 -25.04 -7.43
C GLY E 29 5.09 -25.07 -7.16
N ALA E 30 5.87 -25.45 -8.16
CA ALA E 30 7.31 -25.50 -8.02
C ALA E 30 7.85 -25.47 -9.43
N SER E 31 9.18 -25.47 -9.57
CA SER E 31 9.76 -25.44 -10.91
C SER E 31 10.93 -26.39 -11.05
N LEU E 32 11.01 -27.03 -12.22
CA LEU E 32 12.08 -27.96 -12.55
C LEU E 32 13.29 -27.17 -13.04
N ILE E 33 14.41 -27.28 -12.35
CA ILE E 33 15.61 -26.55 -12.77
C ILE E 33 16.70 -27.45 -13.34
N SER E 34 16.49 -28.75 -13.27
CA SER E 34 17.42 -29.73 -13.80
C SER E 34 16.68 -31.04 -13.72
N ASP E 35 17.37 -32.15 -13.94
CA ASP E 35 16.69 -33.44 -13.88
C ASP E 35 16.61 -33.96 -12.45
N ARG E 36 17.21 -33.24 -11.51
CA ARG E 36 17.23 -33.67 -10.12
C ARG E 36 16.73 -32.64 -9.11
N TRP E 37 16.80 -31.36 -9.45
CA TRP E 37 16.38 -30.33 -8.52
C TRP E 37 15.10 -29.60 -8.91
N VAL E 38 14.30 -29.31 -7.88
CA VAL E 38 13.04 -28.60 -8.02
C VAL E 38 13.06 -27.45 -7.02
N LEU E 39 12.65 -26.28 -7.47
CA LEU E 39 12.64 -25.11 -6.62
C LEU E 39 11.20 -24.78 -6.21
N THR E 40 11.02 -24.32 -4.98
CA THR E 40 9.68 -23.99 -4.49
C THR E 40 9.80 -23.04 -3.32
N ALA E 41 8.66 -22.74 -2.69
CA ALA E 41 8.67 -21.81 -1.55
C ALA E 41 8.69 -22.57 -0.22
N ALA E 42 9.35 -21.98 0.76
CA ALA E 42 9.45 -22.58 2.09
C ALA E 42 8.08 -22.75 2.75
N HIS E 43 7.26 -21.71 2.77
CA HIS E 43 5.96 -21.79 3.41
C HIS E 43 5.04 -22.89 2.85
N CYS E 44 5.39 -23.43 1.69
CA CYS E 44 4.60 -24.50 1.10
C CYS E 44 4.90 -25.80 1.83
N LEU E 45 6.07 -25.85 2.44
CA LEU E 45 6.52 -27.03 3.16
C LEU E 45 6.48 -26.82 4.66
N LEU E 46 7.09 -25.73 5.12
CA LEU E 46 7.17 -25.42 6.53
C LEU E 46 6.56 -24.10 7.01
N TYR E 47 5.48 -24.21 7.80
CA TYR E 47 4.82 -23.06 8.40
C TYR E 47 4.26 -23.50 9.75
N PRO E 48 5.09 -23.47 10.80
CA PRO E 48 4.71 -23.86 12.16
C PRO E 48 3.32 -23.39 12.61
N PRO E 49 3.05 -22.07 12.51
CA PRO E 49 1.76 -21.51 12.93
C PRO E 49 0.55 -22.38 12.57
N TRP E 50 0.23 -22.46 11.29
CA TRP E 50 -0.91 -23.28 10.86
C TRP E 50 -0.66 -24.76 11.05
N ASP E 51 0.32 -25.10 11.88
CA ASP E 51 0.65 -26.50 12.16
C ASP E 51 1.05 -27.21 10.87
N LYS E 52 2.26 -26.94 10.38
CA LYS E 52 2.72 -27.54 9.15
C LYS E 52 4.23 -27.61 8.99
N ASN E 53 4.75 -28.82 8.81
CA ASN E 53 6.18 -29.02 8.58
C ASN E 53 6.34 -30.34 7.84
N PHE E 54 6.26 -30.27 6.52
CA PHE E 54 6.40 -31.44 5.67
C PHE E 54 7.86 -31.86 5.47
N THR E 55 8.04 -33.11 5.06
CA THR E 55 9.36 -33.66 4.79
C THR E 55 9.26 -34.75 3.73
N GLU E 56 10.39 -35.05 3.10
CA GLU E 56 10.49 -36.05 2.03
C GLU E 56 9.29 -36.96 1.83
N ASN E 57 9.17 -37.99 2.66
CA ASN E 57 8.09 -38.97 2.54
C ASN E 57 6.67 -38.44 2.69
N ASP E 58 6.52 -37.13 2.94
CA ASP E 58 5.20 -36.54 3.08
C ASP E 58 4.63 -36.08 1.75
N LEU E 59 5.44 -35.34 0.99
CA LEU E 59 5.04 -34.80 -0.29
C LEU E 59 5.33 -35.70 -1.49
N LEU E 60 5.02 -35.16 -2.66
CA LEU E 60 5.21 -35.84 -3.94
C LEU E 60 5.14 -34.74 -5.01
N VAL E 61 5.84 -34.93 -6.13
CA VAL E 61 5.82 -33.93 -7.19
C VAL E 61 5.37 -34.52 -8.51
N ARG E 62 4.60 -33.75 -9.26
CA ARG E 62 4.10 -34.21 -10.55
C ARG E 62 4.63 -33.23 -11.60
N ILE E 63 5.33 -33.77 -12.60
CA ILE E 63 5.90 -32.96 -13.67
C ILE E 63 5.29 -33.18 -15.04
N GLY E 64 5.21 -32.10 -15.82
CA GLY E 64 4.67 -32.21 -17.16
C GLY E 64 3.16 -32.19 -17.25
N LYS E 65 2.50 -31.68 -16.23
CA LYS E 65 1.03 -31.65 -16.23
C LYS E 65 0.43 -30.40 -16.87
N HIS E 66 -0.82 -30.57 -17.31
CA HIS E 66 -1.58 -29.50 -17.92
C HIS E 66 -2.91 -29.50 -17.17
N SER E 67 -3.67 -30.58 -17.35
CA SER E 67 -4.94 -30.71 -16.65
C SER E 67 -4.57 -30.78 -15.18
N ARG E 68 -5.35 -30.10 -14.35
CA ARG E 68 -5.10 -30.07 -12.91
C ARG E 68 -5.55 -31.38 -12.25
N THR E 69 -6.72 -31.85 -12.67
CA THR E 69 -7.34 -33.05 -12.10
C THR E 69 -7.00 -34.42 -12.68
N ARG E 70 -7.07 -34.59 -13.99
CA ARG E 70 -6.79 -35.91 -14.55
C ARG E 70 -5.33 -36.34 -14.63
N TYR E 71 -5.12 -37.64 -14.47
CA TYR E 71 -3.79 -38.24 -14.54
C TYR E 71 -3.43 -38.44 -16.00
N GLU E 72 -2.53 -37.61 -16.50
CA GLU E 72 -2.11 -37.65 -17.89
C GLU E 72 -0.98 -38.66 -18.09
N ARG E 73 -1.35 -39.94 -18.10
CA ARG E 73 -0.41 -41.05 -18.25
C ARG E 73 0.52 -40.90 -19.46
N ASN E 74 1.77 -41.31 -19.26
CA ASN E 74 2.79 -41.23 -20.29
C ASN E 74 3.22 -39.79 -20.57
N ILE E 75 2.34 -38.86 -20.23
CA ILE E 75 2.64 -37.44 -20.43
C ILE E 75 3.28 -36.87 -19.18
N GLU E 76 2.62 -37.02 -18.04
CA GLU E 76 3.17 -36.51 -16.80
C GLU E 76 4.05 -37.54 -16.12
N LYS E 77 4.89 -37.07 -15.21
CA LYS E 77 5.78 -37.94 -14.46
C LYS E 77 5.64 -37.62 -12.98
N ILE E 78 5.55 -38.66 -12.17
CA ILE E 78 5.40 -38.51 -10.73
C ILE E 78 6.69 -38.95 -10.09
N SER E 79 7.17 -38.20 -9.10
CA SER E 79 8.42 -38.55 -8.44
C SER E 79 8.36 -38.32 -6.93
N MET E 80 9.08 -39.16 -6.20
CA MET E 80 9.16 -39.03 -4.76
C MET E 80 10.35 -38.14 -4.51
N LEU E 81 10.44 -37.57 -3.32
CA LEU E 81 11.56 -36.72 -3.00
C LEU E 81 12.61 -37.51 -2.23
N GLU E 82 13.85 -37.05 -2.28
CA GLU E 82 14.95 -37.70 -1.59
C GLU E 82 15.26 -36.90 -0.35
N LYS E 83 15.11 -35.58 -0.44
CA LYS E 83 15.37 -34.70 0.67
C LYS E 83 14.81 -33.31 0.41
N ILE E 84 14.48 -32.61 1.48
CA ILE E 84 13.92 -31.26 1.37
C ILE E 84 14.86 -30.29 2.06
N TYR E 85 15.22 -29.22 1.36
CA TYR E 85 16.12 -28.22 1.94
C TYR E 85 15.47 -26.86 2.01
N ILE E 86 15.56 -26.26 3.19
CA ILE E 86 14.97 -24.95 3.41
C ILE E 86 16.07 -23.99 3.82
N HIS E 87 15.99 -22.76 3.33
CA HIS E 87 16.98 -21.75 3.66
C HIS E 87 16.99 -21.60 5.18
N PRO E 88 18.18 -21.67 5.80
CA PRO E 88 18.31 -21.55 7.26
C PRO E 88 17.66 -20.29 7.86
N ARG E 89 17.91 -19.13 7.26
CA ARG E 89 17.35 -17.87 7.75
C ARG E 89 15.94 -17.59 7.26
N TYR E 90 15.17 -18.63 6.95
CA TYR E 90 13.79 -18.46 6.49
C TYR E 90 12.97 -17.95 7.67
N ASN E 91 12.55 -16.68 7.60
CA ASN E 91 11.78 -16.06 8.66
C ASN E 91 10.27 -16.17 8.49
N TRP E 92 9.70 -17.32 8.87
CA TRP E 92 8.27 -17.54 8.75
C TRP E 92 7.49 -16.75 9.81
N ARG E 93 8.20 -16.26 10.81
CA ARG E 93 7.55 -15.51 11.90
C ARG E 93 7.04 -14.15 11.48
N GLU E 94 7.91 -13.34 10.88
CA GLU E 94 7.55 -12.00 10.47
C GLU E 94 7.06 -11.79 9.04
N ASN E 95 8.00 -11.63 8.11
CA ASN E 95 7.66 -11.35 6.72
C ASN E 95 7.96 -12.44 5.70
N LEU E 96 8.03 -13.69 6.13
CA LEU E 96 8.32 -14.78 5.19
C LEU E 96 9.59 -14.48 4.40
N ASP E 97 10.60 -13.96 5.10
CA ASP E 97 11.88 -13.62 4.49
C ASP E 97 12.60 -14.89 4.05
N ARG E 98 13.34 -14.81 2.94
CA ARG E 98 14.07 -15.96 2.41
C ARG E 98 13.15 -17.17 2.28
N ASN E 99 11.98 -16.94 1.70
CA ASN E 99 10.99 -17.98 1.49
C ASN E 99 11.38 -18.78 0.26
N ILE E 100 12.22 -19.80 0.45
CA ILE E 100 12.70 -20.62 -0.64
C ILE E 100 13.11 -22.01 -0.15
N ALA E 101 12.85 -23.02 -0.97
CA ALA E 101 13.20 -24.40 -0.61
C ALA E 101 13.60 -25.21 -1.84
N LEU E 102 14.54 -26.14 -1.66
CA LEU E 102 14.99 -27.01 -2.73
C LEU E 102 14.56 -28.43 -2.40
N MET E 103 14.18 -29.17 -3.43
CA MET E 103 13.75 -30.55 -3.26
C MET E 103 14.42 -31.44 -4.29
N LYS E 104 15.24 -32.37 -3.83
CA LYS E 104 15.93 -33.28 -4.73
C LYS E 104 15.07 -34.53 -4.93
N LEU E 105 14.90 -34.94 -6.18
CA LEU E 105 14.10 -36.11 -6.50
C LEU E 105 14.92 -37.38 -6.23
N LYS E 106 14.24 -38.49 -5.95
CA LYS E 106 14.94 -39.74 -5.69
C LYS E 106 15.66 -40.22 -6.93
N LYS E 107 14.95 -40.25 -8.04
CA LYS E 107 15.51 -40.67 -9.32
C LYS E 107 15.35 -39.53 -10.31
N PRO E 108 16.42 -39.19 -11.06
CA PRO E 108 16.32 -38.10 -12.03
C PRO E 108 15.18 -38.38 -12.99
N VAL E 109 14.58 -37.31 -13.52
CA VAL E 109 13.45 -37.43 -14.44
C VAL E 109 13.88 -37.27 -15.90
N ALA E 110 13.17 -37.94 -16.80
CA ALA E 110 13.46 -37.85 -18.23
C ALA E 110 12.76 -36.64 -18.86
N PHE E 111 13.50 -35.88 -19.66
CA PHE E 111 12.93 -34.72 -20.32
C PHE E 111 12.12 -35.14 -21.54
N SER E 112 11.28 -34.24 -22.04
CA SER E 112 10.47 -34.52 -23.20
C SER E 112 9.83 -33.24 -23.70
N ASP E 113 8.79 -33.38 -24.51
CA ASP E 113 8.06 -32.23 -25.03
C ASP E 113 7.31 -31.52 -23.91
N TYR E 114 7.01 -32.26 -22.84
CA TYR E 114 6.24 -31.71 -21.74
C TYR E 114 7.03 -31.47 -20.47
N ILE E 115 8.27 -31.92 -20.44
CA ILE E 115 9.12 -31.75 -19.27
C ILE E 115 10.48 -31.19 -19.68
N HIS E 116 10.77 -29.97 -19.24
CA HIS E 116 12.03 -29.33 -19.59
C HIS E 116 12.34 -28.27 -18.54
N PRO E 117 13.59 -28.22 -18.06
CA PRO E 117 14.03 -27.26 -17.04
C PRO E 117 14.14 -25.81 -17.48
N VAL E 118 13.83 -24.91 -16.56
CA VAL E 118 13.90 -23.47 -16.80
C VAL E 118 15.32 -23.05 -16.42
N CYS E 119 15.75 -21.89 -16.88
CA CYS E 119 17.08 -21.40 -16.55
C CYS E 119 17.03 -20.54 -15.28
N LEU E 120 18.11 -20.57 -14.49
CA LEU E 120 18.17 -19.71 -13.32
C LEU E 120 19.06 -18.59 -13.83
N PRO E 121 18.75 -17.33 -13.48
CA PRO E 121 19.54 -16.19 -13.95
C PRO E 121 20.92 -15.98 -13.36
N ASP E 122 21.82 -15.44 -14.18
CA ASP E 122 23.18 -15.14 -13.77
C ASP E 122 23.17 -13.67 -13.36
N ARG E 123 24.31 -13.16 -12.91
CA ARG E 123 24.39 -11.75 -12.50
C ARG E 123 23.86 -10.79 -13.55
N GLU E 124 24.40 -10.87 -14.75
CA GLU E 124 24.00 -9.98 -15.84
C GLU E 124 22.52 -10.02 -16.22
N THR E 125 21.99 -11.21 -16.50
CA THR E 125 20.58 -11.33 -16.86
C THR E 125 19.67 -10.74 -15.79
N ALA E 126 19.92 -11.10 -14.54
CA ALA E 126 19.12 -10.61 -13.42
C ALA E 126 19.07 -9.09 -13.38
N ALA E 127 20.24 -8.45 -13.45
CA ALA E 127 20.31 -6.99 -13.40
C ALA E 127 19.65 -6.28 -14.57
N SER E 128 19.67 -6.90 -15.76
CA SER E 128 19.07 -6.24 -16.92
C SER E 128 17.58 -6.51 -17.12
N LEU E 129 17.07 -7.62 -16.59
CA LEU E 129 15.66 -7.95 -16.78
C LEU E 129 14.78 -7.64 -15.59
N LEU E 130 15.36 -7.64 -14.39
CA LEU E 130 14.57 -7.35 -13.20
C LEU E 130 14.43 -5.85 -13.03
N GLN E 131 13.72 -5.22 -13.96
CA GLN E 131 13.49 -3.78 -13.95
C GLN E 131 11.99 -3.51 -13.89
N ALA E 132 11.61 -2.45 -13.17
CA ALA E 132 10.21 -2.09 -13.06
C ALA E 132 9.67 -1.75 -14.44
N GLY E 133 8.47 -2.24 -14.76
CA GLY E 133 7.89 -1.95 -16.05
C GLY E 133 7.95 -3.13 -17.00
N TYR E 134 8.90 -4.03 -16.78
CA TYR E 134 9.02 -5.22 -17.63
C TYR E 134 8.04 -6.25 -17.10
N LYS E 135 7.53 -7.09 -17.99
CA LYS E 135 6.58 -8.11 -17.59
C LYS E 135 7.18 -9.48 -17.51
N GLY E 136 6.76 -10.21 -16.48
CA GLY E 136 7.19 -11.57 -16.27
C GLY E 136 5.94 -12.41 -16.37
N ARG E 137 6.07 -13.73 -16.23
CA ARG E 137 4.94 -14.64 -16.32
C ARG E 137 4.81 -15.56 -15.12
N VAL E 138 3.59 -15.68 -14.59
CA VAL E 138 3.31 -16.55 -13.46
C VAL E 138 2.31 -17.61 -13.91
N THR E 139 2.54 -18.85 -13.51
CA THR E 139 1.66 -19.96 -13.88
C THR E 139 1.34 -20.80 -12.64
N GLY E 140 0.21 -21.48 -12.67
CA GLY E 140 -0.18 -22.30 -11.53
C GLY E 140 -1.59 -22.81 -11.62
N TRP E 141 -1.92 -23.72 -10.70
CA TRP E 141 -3.24 -24.33 -10.63
C TRP E 141 -3.98 -23.76 -9.42
N GLY E 142 -3.48 -22.64 -8.90
CA GLY E 142 -4.09 -22.01 -7.74
C GLY E 142 -5.51 -21.57 -7.97
N ASN E 143 -6.11 -20.92 -6.96
CA ASN E 143 -7.48 -20.44 -7.04
C ASN E 143 -7.68 -19.34 -8.07
N LEU E 144 -8.87 -19.30 -8.68
CA LEU E 144 -9.17 -18.30 -9.69
C LEU E 144 -9.62 -16.98 -9.09
N LYS E 145 -10.10 -17.03 -7.85
CA LYS E 145 -10.58 -15.83 -7.16
C LYS E 145 -10.11 -15.88 -5.71
N GLU E 146 -10.15 -14.74 -5.04
CA GLU E 146 -9.73 -14.69 -3.65
C GLU E 146 -10.72 -15.45 -2.76
N THR E 147 -12.00 -15.36 -3.08
CA THR E 147 -13.03 -16.03 -2.30
C THR E 147 -13.96 -16.88 -3.17
N LYS E 154 -16.57 -23.47 -8.67
CA LYS E 154 -15.48 -24.08 -7.93
C LYS E 154 -14.51 -23.03 -7.38
N GLY E 155 -13.76 -22.40 -8.28
CA GLY E 155 -12.79 -21.41 -7.88
C GLY E 155 -11.42 -21.96 -8.23
N GLN E 156 -11.42 -23.22 -8.63
CA GLN E 156 -10.19 -23.91 -9.02
C GLN E 156 -10.31 -24.25 -10.50
N PRO E 157 -9.22 -24.14 -11.27
CA PRO E 157 -9.21 -24.43 -12.71
C PRO E 157 -9.07 -25.90 -13.06
N SER E 158 -9.44 -26.25 -14.29
CA SER E 158 -9.31 -27.63 -14.73
C SER E 158 -8.04 -27.72 -15.57
N VAL E 159 -7.41 -26.58 -15.81
CA VAL E 159 -6.20 -26.52 -16.59
C VAL E 159 -5.24 -25.45 -16.09
N LEU E 160 -3.94 -25.69 -16.28
CA LEU E 160 -2.90 -24.76 -15.83
C LEU E 160 -3.19 -23.36 -16.32
N GLN E 161 -3.10 -22.39 -15.41
CA GLN E 161 -3.37 -21.00 -15.72
C GLN E 161 -2.11 -20.18 -15.90
N VAL E 162 -2.19 -19.15 -16.73
CA VAL E 162 -1.07 -18.28 -16.98
C VAL E 162 -1.49 -16.82 -17.07
N VAL E 163 -0.65 -15.94 -16.54
CA VAL E 163 -0.93 -14.51 -16.61
C VAL E 163 0.39 -13.75 -16.62
N ASN E 164 0.44 -12.65 -17.36
CA ASN E 164 1.63 -11.82 -17.46
C ASN E 164 1.48 -10.59 -16.60
N LEU E 165 2.49 -10.32 -15.77
CA LEU E 165 2.45 -9.17 -14.87
C LEU E 165 3.72 -8.35 -14.91
N PRO E 166 3.58 -7.02 -14.73
CA PRO E 166 4.73 -6.12 -14.74
C PRO E 166 5.38 -6.01 -13.37
N ILE E 167 6.71 -5.97 -13.34
CA ILE E 167 7.43 -5.82 -12.09
C ILE E 167 7.13 -4.41 -11.58
N VAL E 168 7.07 -4.24 -10.27
CA VAL E 168 6.76 -2.93 -9.72
C VAL E 168 7.92 -2.25 -9.01
N GLU E 169 7.92 -0.92 -9.05
CA GLU E 169 8.95 -0.13 -8.39
C GLU E 169 8.99 -0.53 -6.92
N ARG E 170 10.19 -0.70 -6.38
CA ARG E 170 10.35 -1.10 -4.99
C ARG E 170 9.69 -0.12 -4.03
N PRO E 171 9.81 1.19 -4.30
CA PRO E 171 9.18 2.19 -3.42
C PRO E 171 7.68 1.95 -3.33
N VAL E 172 7.06 1.74 -4.49
CA VAL E 172 5.64 1.49 -4.56
C VAL E 172 5.30 0.18 -3.84
N CYS E 173 6.12 -0.85 -4.01
CA CYS E 173 5.86 -2.13 -3.33
C CYS E 173 5.85 -1.85 -1.83
N LYS E 174 6.83 -1.05 -1.41
CA LYS E 174 7.01 -0.69 -0.01
C LYS E 174 5.80 0.01 0.60
N ASP E 175 5.23 0.98 -0.12
CA ASP E 175 4.08 1.71 0.39
C ASP E 175 2.78 0.89 0.35
N SER E 176 2.68 -0.03 -0.58
CA SER E 176 1.48 -0.86 -0.73
C SER E 176 1.23 -1.76 0.46
N THR E 177 2.25 -1.97 1.28
CA THR E 177 2.10 -2.86 2.43
C THR E 177 2.84 -2.34 3.65
N ARG E 178 2.33 -2.72 4.82
CA ARG E 178 2.91 -2.31 6.08
C ARG E 178 3.89 -3.38 6.56
N ILE E 179 4.14 -4.36 5.69
CA ILE E 179 5.07 -5.45 5.99
C ILE E 179 6.47 -5.04 5.55
N ARG E 180 7.48 -5.58 6.21
CA ARG E 180 8.86 -5.24 5.89
C ARG E 180 9.31 -6.02 4.66
N ILE E 181 9.84 -5.30 3.66
CA ILE E 181 10.29 -5.92 2.43
C ILE E 181 11.81 -5.98 2.34
N THR E 182 12.35 -7.19 2.40
CA THR E 182 13.79 -7.40 2.32
C THR E 182 14.25 -7.36 0.86
N ASP E 183 15.56 -7.35 0.66
CA ASP E 183 16.11 -7.29 -0.69
C ASP E 183 16.03 -8.60 -1.45
N ASN E 184 15.61 -9.68 -0.78
CA ASN E 184 15.50 -10.95 -1.47
C ASN E 184 14.07 -11.21 -1.90
N MET E 185 13.36 -10.12 -2.20
CA MET E 185 11.99 -10.18 -2.66
C MET E 185 11.65 -8.94 -3.49
N PHE E 186 10.77 -9.13 -4.47
CA PHE E 186 10.32 -8.03 -5.33
C PHE E 186 8.84 -8.26 -5.55
N CYS E 187 8.11 -7.23 -5.95
CA CYS E 187 6.67 -7.40 -6.17
C CYS E 187 6.30 -7.16 -7.62
N ALA E 188 5.12 -7.65 -8.01
CA ALA E 188 4.63 -7.52 -9.37
C ALA E 188 3.12 -7.41 -9.38
N GLY E 189 2.60 -6.80 -10.46
CA GLY E 189 1.17 -6.63 -10.60
C GLY E 189 0.86 -5.28 -11.21
N TYR E 190 -0.35 -5.13 -11.74
CA TYR E 190 -0.76 -3.87 -12.34
C TYR E 190 -1.23 -2.92 -11.25
N LYS E 191 -1.03 -1.63 -11.46
CA LYS E 191 -1.44 -0.60 -10.52
C LYS E 191 -2.95 -0.38 -10.70
N PRO E 192 -3.59 0.25 -9.71
CA PRO E 192 -5.03 0.52 -9.74
C PRO E 192 -5.49 1.22 -11.03
N ASP E 193 -4.61 2.02 -11.62
CA ASP E 193 -4.93 2.75 -12.83
C ASP E 193 -4.23 2.26 -14.09
N GLU E 194 -4.11 0.95 -14.30
CA GLU E 194 -3.42 0.46 -15.50
C GLU E 194 -4.26 -0.26 -16.54
N GLY E 195 -5.55 -0.44 -16.28
CA GLY E 195 -6.40 -1.08 -17.27
C GLY E 195 -6.44 -2.60 -17.25
N LYS E 196 -5.51 -3.22 -16.54
CA LYS E 196 -5.51 -4.67 -16.45
C LYS E 196 -5.28 -5.14 -15.02
N ARG E 197 -5.64 -6.38 -14.75
CA ARG E 197 -5.49 -6.96 -13.42
C ARG E 197 -4.79 -8.31 -13.55
N GLY E 198 -4.77 -9.05 -12.44
CA GLY E 198 -4.14 -10.35 -12.45
C GLY E 198 -3.27 -10.54 -11.22
N ASP E 199 -3.11 -11.79 -10.80
CA ASP E 199 -2.31 -12.05 -9.61
C ASP E 199 -2.27 -13.54 -9.34
N ALA E 200 -1.33 -13.93 -8.48
CA ALA E 200 -1.20 -15.31 -8.07
C ALA E 200 -2.16 -15.42 -6.90
N CYS E 201 -2.49 -16.63 -6.51
CA CYS E 201 -3.41 -16.82 -5.39
C CYS E 201 -3.08 -18.13 -4.69
N GLU E 202 -3.81 -18.43 -3.62
CA GLU E 202 -3.60 -19.66 -2.86
C GLU E 202 -3.54 -20.86 -3.79
N GLY E 203 -2.47 -21.63 -3.68
CA GLY E 203 -2.30 -22.79 -4.54
C GLY E 203 -1.23 -22.55 -5.59
N ASP E 204 -0.86 -21.28 -5.79
CA ASP E 204 0.16 -20.93 -6.77
C ASP E 204 1.51 -20.75 -6.08
N SER E 205 1.48 -20.57 -4.76
CA SER E 205 2.70 -20.41 -3.97
C SER E 205 3.75 -21.43 -4.42
N GLY E 206 5.01 -21.02 -4.42
CA GLY E 206 6.07 -21.92 -4.83
C GLY E 206 6.25 -21.94 -6.34
N GLY E 207 5.24 -21.47 -7.07
CA GLY E 207 5.33 -21.44 -8.52
C GLY E 207 6.41 -20.49 -8.99
N PRO E 208 6.78 -20.55 -10.28
CA PRO E 208 7.82 -19.70 -10.86
C PRO E 208 7.33 -18.43 -11.56
N PHE E 209 8.13 -17.36 -11.45
CA PHE E 209 7.88 -16.08 -12.11
C PHE E 209 9.01 -16.06 -13.15
N VAL E 210 8.65 -16.28 -14.42
CA VAL E 210 9.65 -16.35 -15.47
C VAL E 210 9.63 -15.19 -16.47
N MET E 211 10.80 -14.93 -17.05
CA MET E 211 10.95 -13.86 -18.05
C MET E 211 11.68 -14.43 -19.25
N LYS E 212 11.26 -14.05 -20.44
CA LYS E 212 11.95 -14.51 -21.64
C LYS E 212 13.02 -13.48 -21.96
N SER E 213 14.28 -13.90 -21.91
CA SER E 213 15.40 -13.02 -22.18
C SER E 213 15.45 -12.66 -23.66
N PRO E 214 15.55 -11.37 -23.97
CA PRO E 214 15.59 -10.89 -25.35
C PRO E 214 16.92 -11.26 -26.03
N PHE E 215 17.93 -11.49 -25.19
CA PHE E 215 19.26 -11.84 -25.67
C PHE E 215 19.33 -13.23 -26.30
N ASN E 216 19.29 -14.27 -25.48
CA ASN E 216 19.37 -15.65 -25.97
C ASN E 216 18.03 -16.36 -26.22
N ASN E 217 16.93 -15.64 -26.04
CA ASN E 217 15.62 -16.23 -26.29
C ASN E 217 15.28 -17.39 -25.36
N ARG E 218 15.93 -17.44 -24.21
CA ARG E 218 15.68 -18.50 -23.24
C ARG E 218 14.82 -17.96 -22.09
N TRP E 219 14.09 -18.85 -21.42
CA TRP E 219 13.25 -18.43 -20.31
C TRP E 219 14.05 -18.56 -19.01
N TYR E 220 13.98 -17.52 -18.18
CA TYR E 220 14.67 -17.50 -16.90
C TYR E 220 13.71 -17.36 -15.74
N GLN E 221 13.99 -18.03 -14.63
CA GLN E 221 13.13 -17.90 -13.47
C GLN E 221 13.70 -16.85 -12.54
N MET E 222 13.08 -15.67 -12.57
CA MET E 222 13.52 -14.55 -11.77
C MET E 222 12.97 -14.61 -10.36
N GLY E 223 11.80 -15.24 -10.18
CA GLY E 223 11.21 -15.32 -8.86
C GLY E 223 10.39 -16.55 -8.54
N ILE E 224 10.00 -16.64 -7.27
CA ILE E 224 9.20 -17.75 -6.75
C ILE E 224 7.97 -17.09 -6.09
N VAL E 225 6.77 -17.52 -6.48
CA VAL E 225 5.56 -16.95 -5.91
C VAL E 225 5.64 -17.10 -4.40
N SER E 226 5.73 -16.00 -3.69
CA SER E 226 5.83 -16.04 -2.24
C SER E 226 4.53 -15.69 -1.53
N TRP E 227 4.33 -14.42 -1.20
CA TRP E 227 3.14 -14.01 -0.49
C TRP E 227 2.45 -12.77 -1.06
N GLY E 228 1.21 -12.56 -0.63
CA GLY E 228 0.44 -11.42 -1.06
C GLY E 228 -0.74 -11.18 -0.15
N GLU E 229 -1.10 -9.91 0.03
CA GLU E 229 -2.24 -9.56 0.87
C GLU E 229 -3.52 -9.78 0.06
N GLY E 230 -4.07 -10.97 0.17
CA GLY E 230 -5.28 -11.30 -0.57
C GLY E 230 -4.89 -11.73 -1.98
N CYS E 231 -5.81 -11.61 -2.92
CA CYS E 231 -5.52 -11.99 -4.31
C CYS E 231 -6.08 -10.96 -5.27
N ASP E 232 -5.20 -10.34 -6.05
CA ASP E 232 -5.61 -9.37 -7.05
C ASP E 232 -6.44 -8.21 -6.48
N ARG E 233 -5.96 -7.63 -5.38
CA ARG E 233 -6.63 -6.49 -4.75
C ARG E 233 -5.99 -5.21 -5.26
N ASP E 234 -6.81 -4.20 -5.56
CA ASP E 234 -6.28 -2.94 -6.06
C ASP E 234 -5.32 -2.34 -5.03
N GLY E 235 -4.25 -1.72 -5.52
CA GLY E 235 -3.29 -1.11 -4.62
C GLY E 235 -2.39 -2.11 -3.92
N LYS E 236 -2.68 -3.41 -4.11
CA LYS E 236 -1.87 -4.47 -3.51
C LYS E 236 -1.08 -5.14 -4.63
N TYR E 237 0.01 -5.81 -4.26
CA TYR E 237 0.83 -6.49 -5.25
C TYR E 237 1.30 -7.84 -4.71
N GLY E 238 1.55 -8.78 -5.60
CA GLY E 238 2.03 -10.08 -5.17
C GLY E 238 3.53 -9.98 -4.97
N PHE E 239 4.07 -10.71 -4.01
CA PHE E 239 5.50 -10.66 -3.78
C PHE E 239 6.22 -11.92 -4.20
N TYR E 240 7.45 -11.76 -4.66
CA TYR E 240 8.19 -12.90 -5.13
C TYR E 240 9.60 -12.99 -4.56
N THR E 241 10.02 -14.20 -4.21
CA THR E 241 11.35 -14.41 -3.69
C THR E 241 12.29 -14.15 -4.86
N HIS E 242 13.24 -13.25 -4.65
CA HIS E 242 14.25 -12.87 -5.66
C HIS E 242 15.26 -14.01 -5.81
N VAL E 243 14.95 -14.96 -6.70
CA VAL E 243 15.81 -16.13 -6.92
C VAL E 243 17.32 -15.85 -6.96
N PHE E 244 17.73 -14.88 -7.77
CA PHE E 244 19.14 -14.55 -7.90
C PHE E 244 19.75 -14.18 -6.54
N ARG E 245 19.07 -13.33 -5.79
CA ARG E 245 19.53 -12.90 -4.48
C ARG E 245 19.99 -14.07 -3.62
N LEU E 246 19.26 -15.18 -3.70
CA LEU E 246 19.58 -16.36 -2.92
C LEU E 246 20.31 -17.42 -3.73
N LYS E 247 20.99 -16.96 -4.78
CA LYS E 247 21.75 -17.84 -5.67
C LYS E 247 22.88 -18.58 -4.95
N LYS E 248 23.62 -17.87 -4.09
CA LYS E 248 24.71 -18.48 -3.35
C LYS E 248 24.24 -19.69 -2.53
N TRP E 249 23.10 -19.55 -1.86
CA TRP E 249 22.54 -20.63 -1.06
C TRP E 249 22.25 -21.86 -1.91
N ILE E 250 21.62 -21.64 -3.06
CA ILE E 250 21.27 -22.73 -3.96
C ILE E 250 22.49 -23.58 -4.35
N GLN E 251 23.58 -22.95 -4.75
CA GLN E 251 24.78 -23.71 -5.13
C GLN E 251 25.19 -24.59 -3.97
N LYS E 252 25.51 -23.95 -2.85
CA LYS E 252 25.94 -24.63 -1.62
C LYS E 252 25.11 -25.88 -1.35
N VAL E 253 23.79 -25.73 -1.39
CA VAL E 253 22.90 -26.86 -1.15
C VAL E 253 23.06 -27.93 -2.21
N ILE E 254 23.20 -27.52 -3.47
CA ILE E 254 23.35 -28.47 -4.56
C ILE E 254 24.75 -29.09 -4.61
N ASP E 255 25.78 -28.25 -4.72
CA ASP E 255 27.16 -28.71 -4.79
C ASP E 255 27.60 -29.38 -3.50
N GLN E 256 26.67 -30.04 -2.81
CA GLN E 256 26.96 -30.73 -1.56
C GLN E 256 25.82 -31.68 -1.20
N PHE E 257 24.65 -31.42 -1.76
CA PHE E 257 23.46 -32.23 -1.48
C PHE E 257 23.09 -32.09 -0.01
N ASP F 2 10.12 7.07 -18.69
CA ASP F 2 9.32 5.83 -18.82
C ASP F 2 10.24 4.61 -18.76
N LYS F 3 10.32 3.87 -19.86
CA LYS F 3 11.17 2.68 -19.94
C LYS F 3 12.33 2.89 -20.90
N TYR F 4 13.23 1.91 -20.93
CA TYR F 4 14.38 1.94 -21.82
C TYR F 4 14.29 0.69 -22.69
N GLU F 5 15.24 -0.21 -22.50
CA GLU F 5 15.33 -1.47 -23.23
C GLU F 5 16.52 -2.21 -22.65
N PRO F 6 16.35 -3.50 -22.34
CA PRO F 6 17.46 -4.26 -21.78
C PRO F 6 18.70 -4.21 -22.67
N PHE F 7 19.87 -4.25 -22.04
CA PHE F 7 21.13 -4.22 -22.78
C PHE F 7 22.21 -5.05 -22.08
N TRP F 8 22.96 -5.82 -22.86
CA TRP F 8 24.05 -6.64 -22.33
C TRP F 8 23.55 -7.88 -21.62
#